data_7OME
#
_entry.id   7OME
#
_cell.length_a   43.076
_cell.length_b   64.487
_cell.length_c   98.096
_cell.angle_alpha   90.000
_cell.angle_beta   90.000
_cell.angle_gamma   90.000
#
_symmetry.space_group_name_H-M   'P 21 21 21'
#
loop_
_entity.id
_entity.type
_entity.pdbx_description
1 polymer 'Renilla-type engineered ancestral luciferase variant (AncFT7)'
2 non-polymer 6-(4-hydroxyphenyl)-2-[(4-hydroxyphenyl)methyl]-8-(phenylmethyl)-[1,2,4]triazolo[4,3-a]pyrazin-3-one
3 water water
#
_entity_poly.entity_id   1
_entity_poly.type   'polypeptide(L)'
_entity_poly.pdbx_seq_one_letter_code
;MVSASQRTTSTATGDEWWAKCKQVDVLDSEMSYYDSDPGKHKNTVIFLHGNPTSSYLWRNVIPHVEPLARCLAPDLIGMG
KSGKLPNHSYRFVDHYRYLSAWFDSVNLPEKVTIVCHDWGSGLGFHWCNEHRDRVKGIVHMESVVDVIESWDEWPDIEED
IALIKSEAGEEMVLKKNFFIERLLPSSIMRKLSEEEMDAYREPFVEPGESRRPTLTWPREIPLVKGGKPDVIEIVKSYNK
WLSTSKDIPKLFINADPGFFSNAIKKVTKNWPNQKTVTVKGLHFLQEDSPEEIGEAIADFLNELTKHHHHHH
;
_entity_poly.pdbx_strand_id   A
#
# COMPACT_ATOMS: atom_id res chain seq x y z
N ALA A 12 -3.89 3.32 20.15
CA ALA A 12 -2.45 3.42 19.97
C ALA A 12 -2.07 4.74 19.30
N THR A 13 -1.38 5.59 20.04
CA THR A 13 -0.90 6.84 19.49
C THR A 13 0.17 6.56 18.43
N GLY A 14 0.48 7.60 17.64
CA GLY A 14 1.63 7.50 16.77
C GLY A 14 2.90 7.25 17.55
N ASP A 15 3.07 7.96 18.66
CA ASP A 15 4.29 7.82 19.45
C ASP A 15 4.50 6.37 19.90
N GLU A 16 3.42 5.70 20.31
CA GLU A 16 3.54 4.31 20.72
C GLU A 16 3.93 3.43 19.54
N TRP A 17 3.31 3.65 18.38
CA TRP A 17 3.60 2.82 17.22
C TRP A 17 5.05 3.00 16.78
N TRP A 18 5.49 4.24 16.59
CA TRP A 18 6.82 4.43 16.03
C TRP A 18 7.93 4.12 17.02
N ALA A 19 7.62 4.11 18.32
CA ALA A 19 8.58 3.60 19.29
C ALA A 19 8.86 2.11 19.08
N LYS A 20 7.94 1.38 18.46
CA LYS A 20 8.14 -0.03 18.15
C LYS A 20 8.97 -0.23 16.89
N CYS A 21 9.28 0.84 16.16
CA CYS A 21 9.84 0.76 14.82
C CYS A 21 11.33 1.08 14.85
N LYS A 22 12.01 0.63 13.81
CA LYS A 22 13.43 0.83 13.62
C LYS A 22 13.66 1.66 12.38
N GLN A 23 14.88 2.16 12.24
CA GLN A 23 15.25 2.97 11.09
C GLN A 23 16.53 2.40 10.52
N VAL A 24 16.62 2.36 9.19
CA VAL A 24 17.81 1.89 8.50
C VAL A 24 18.13 2.86 7.38
N ASP A 25 19.42 3.13 7.18
CA ASP A 25 19.82 3.96 6.07
C ASP A 25 19.52 3.26 4.77
N VAL A 26 18.98 4.00 3.80
CA VAL A 26 18.56 3.45 2.52
C VAL A 26 19.00 4.43 1.45
N LEU A 27 19.93 4.01 0.59
CA LEU A 27 20.51 4.90 -0.42
C LEU A 27 20.98 6.19 0.25
N ASP A 28 20.51 7.35 -0.22
CA ASP A 28 20.91 8.62 0.34
C ASP A 28 19.94 9.15 1.40
N SER A 29 19.11 8.28 1.96
CA SER A 29 18.13 8.69 2.95
C SER A 29 18.00 7.62 4.03
N GLU A 30 16.81 7.50 4.62
CA GLU A 30 16.56 6.52 5.66
C GLU A 30 15.09 6.15 5.63
N MET A 31 14.78 4.92 6.04
CA MET A 31 13.39 4.48 6.12
C MET A 31 13.11 3.87 7.49
N SER A 32 11.93 4.18 8.01
CA SER A 32 11.47 3.62 9.26
C SER A 32 10.62 2.39 8.96
N TYR A 33 10.66 1.40 9.85
CA TYR A 33 9.89 0.19 9.61
C TYR A 33 9.65 -0.58 10.90
N TYR A 34 8.49 -1.20 10.98
CA TYR A 34 8.19 -2.15 12.04
C TYR A 34 8.81 -3.50 11.70
N ASP A 35 9.40 -4.15 12.70
CA ASP A 35 9.94 -5.51 12.55
C ASP A 35 9.64 -6.27 13.82
N SER A 36 8.75 -7.27 13.73
CA SER A 36 8.38 -7.99 14.93
C SER A 36 9.49 -8.91 15.45
N ASP A 37 10.43 -9.31 14.59
CA ASP A 37 11.48 -10.26 14.98
C ASP A 37 12.73 -10.04 14.14
N PRO A 38 13.52 -9.02 14.43
CA PRO A 38 14.61 -8.64 13.51
C PRO A 38 15.60 -9.77 13.24
N GLY A 39 15.98 -9.91 11.98
CA GLY A 39 17.03 -10.81 11.56
C GLY A 39 16.66 -12.27 11.45
N LYS A 40 15.40 -12.63 11.65
CA LYS A 40 15.00 -14.04 11.69
C LYS A 40 14.48 -14.47 10.32
N HIS A 41 14.87 -15.68 9.92
CA HIS A 41 14.47 -16.25 8.64
C HIS A 41 13.31 -17.24 8.78
N LYS A 42 12.46 -17.04 9.78
CA LYS A 42 11.21 -17.78 9.86
C LYS A 42 10.25 -17.30 8.77
N ASN A 43 9.04 -17.85 8.77
CA ASN A 43 7.99 -17.36 7.88
C ASN A 43 7.84 -15.86 8.05
N THR A 44 8.00 -15.11 6.95
CA THR A 44 8.11 -13.66 6.99
C THR A 44 7.07 -13.00 6.08
N VAL A 45 6.40 -11.97 6.61
CA VAL A 45 5.34 -11.23 5.91
C VAL A 45 5.70 -9.74 5.91
N ILE A 46 5.59 -9.10 4.75
CA ILE A 46 5.87 -7.67 4.62
C ILE A 46 4.59 -6.95 4.25
N PHE A 47 4.24 -5.93 5.03
CA PHE A 47 3.01 -5.18 4.86
C PHE A 47 3.33 -3.82 4.22
N LEU A 48 2.65 -3.51 3.11
CA LEU A 48 2.93 -2.29 2.34
C LEU A 48 1.69 -1.41 2.27
N HIS A 49 1.76 -0.24 2.90
CA HIS A 49 0.71 0.77 2.87
C HIS A 49 0.76 1.56 1.56
N GLY A 50 -0.26 2.42 1.37
CA GLY A 50 -0.35 3.32 0.22
C GLY A 50 -0.57 4.76 0.63
N ASN A 51 -1.37 5.46 -0.15
CA ASN A 51 -1.55 6.91 -0.02
C ASN A 51 -2.84 7.24 0.70
N PRO A 52 -2.84 8.09 1.75
CA PRO A 52 -1.76 8.86 2.36
C PRO A 52 -1.37 8.29 3.72
N THR A 53 -1.19 6.98 3.82
CA THR A 53 -1.05 6.34 5.11
C THR A 53 0.44 6.05 5.38
N SER A 54 0.71 5.11 6.29
CA SER A 54 2.05 4.72 6.70
C SER A 54 1.94 3.32 7.27
N SER A 55 3.03 2.79 7.83
CA SER A 55 2.96 1.51 8.52
C SER A 55 1.92 1.50 9.63
N TYR A 56 1.59 2.67 10.18
CA TYR A 56 0.55 2.80 11.21
C TYR A 56 -0.76 2.15 10.77
N LEU A 57 -1.04 2.13 9.46
CA LEU A 57 -2.26 1.51 8.93
C LEU A 57 -2.41 0.06 9.34
N TRP A 58 -1.29 -0.64 9.59
CA TRP A 58 -1.30 -2.06 9.84
C TRP A 58 -1.24 -2.39 11.33
N ARG A 59 -1.27 -1.38 12.20
CA ARG A 59 -1.00 -1.59 13.62
C ARG A 59 -1.97 -2.56 14.28
N ASN A 60 -3.22 -2.65 13.80
CA ASN A 60 -4.20 -3.54 14.42
C ASN A 60 -4.39 -4.81 13.61
N VAL A 61 -3.75 -4.92 12.45
CA VAL A 61 -3.75 -6.15 11.66
C VAL A 61 -2.62 -7.07 12.08
N ILE A 62 -1.44 -6.47 12.23
CA ILE A 62 -0.24 -7.26 12.54
C ILE A 62 -0.36 -8.09 13.81
N PRO A 63 -0.97 -7.63 14.91
CA PRO A 63 -1.06 -8.49 16.13
C PRO A 63 -1.74 -9.84 15.92
N HIS A 64 -2.53 -10.00 14.86
CA HIS A 64 -3.14 -11.30 14.57
C HIS A 64 -2.26 -12.18 13.70
N VAL A 65 -1.18 -11.63 13.14
CA VAL A 65 -0.31 -12.34 12.23
C VAL A 65 1.03 -12.64 12.86
N GLU A 66 1.57 -11.71 13.66
CA GLU A 66 2.90 -11.90 14.21
C GLU A 66 3.05 -13.05 15.21
N PRO A 67 1.99 -13.60 15.84
CA PRO A 67 2.21 -14.85 16.59
C PRO A 67 2.74 -15.99 15.75
N LEU A 68 2.52 -15.96 14.43
CA LEU A 68 2.87 -17.05 13.56
C LEU A 68 3.88 -16.69 12.48
N ALA A 69 4.35 -15.44 12.43
CA ALA A 69 5.21 -15.01 11.35
C ALA A 69 5.95 -13.76 11.77
N ARG A 70 7.19 -13.63 11.29
CA ARG A 70 7.87 -12.34 11.41
C ARG A 70 7.21 -11.33 10.48
N CYS A 71 6.83 -10.18 11.02
CA CYS A 71 6.07 -9.16 10.31
C CYS A 71 6.90 -7.91 10.17
N LEU A 72 7.02 -7.39 8.95
CA LEU A 72 7.69 -6.12 8.70
C LEU A 72 6.71 -5.18 8.04
N ALA A 73 6.83 -3.89 8.35
CA ALA A 73 5.95 -2.90 7.74
C ALA A 73 6.74 -1.61 7.58
N PRO A 74 7.27 -1.33 6.40
CA PRO A 74 8.00 -0.08 6.19
C PRO A 74 7.09 1.10 5.92
N ASP A 75 7.60 2.28 6.29
CA ASP A 75 7.05 3.54 5.82
C ASP A 75 7.70 3.86 4.47
N LEU A 76 6.89 4.02 3.44
CA LEU A 76 7.42 4.42 2.14
C LEU A 76 8.19 5.73 2.26
N ILE A 77 9.15 5.94 1.36
CA ILE A 77 9.99 7.14 1.43
C ILE A 77 9.11 8.39 1.40
N GLY A 78 9.47 9.38 2.22
CA GLY A 78 8.71 10.61 2.36
C GLY A 78 7.43 10.47 3.16
N MET A 79 7.14 9.30 3.68
CA MET A 79 5.90 9.03 4.39
C MET A 79 6.23 8.45 5.77
N GLY A 80 5.24 8.45 6.65
CA GLY A 80 5.48 7.95 7.99
C GLY A 80 6.66 8.65 8.63
N LYS A 81 7.57 7.87 9.21
CA LYS A 81 8.81 8.42 9.77
C LYS A 81 10.00 8.19 8.85
N SER A 82 9.77 7.89 7.58
CA SER A 82 10.87 7.78 6.64
C SER A 82 11.35 9.16 6.22
N GLY A 83 12.53 9.20 5.61
CA GLY A 83 13.14 10.47 5.27
C GLY A 83 12.37 11.22 4.21
N LYS A 84 12.49 12.54 4.24
CA LYS A 84 12.00 13.40 3.17
C LYS A 84 13.13 13.64 2.17
N LEU A 85 12.78 13.60 0.89
CA LEU A 85 13.76 13.72 -0.17
C LEU A 85 13.90 15.17 -0.59
N PRO A 86 15.11 15.74 -0.58
CA PRO A 86 15.25 17.16 -0.94
C PRO A 86 14.84 17.49 -2.36
N ASN A 87 14.87 16.53 -3.30
CA ASN A 87 14.43 16.85 -4.65
C ASN A 87 12.91 16.76 -4.82
N HIS A 88 12.19 16.34 -3.77
CA HIS A 88 10.73 16.28 -3.77
C HIS A 88 10.17 15.35 -4.86
N SER A 89 10.97 14.37 -5.30
CA SER A 89 10.59 13.48 -6.39
C SER A 89 10.12 12.15 -5.81
N TYR A 90 8.81 11.91 -5.90
CA TYR A 90 8.14 10.78 -5.28
C TYR A 90 7.25 10.06 -6.28
N ARG A 91 7.72 9.91 -7.52
CA ARG A 91 6.99 9.12 -8.49
C ARG A 91 7.07 7.64 -8.11
N PHE A 92 6.24 6.84 -8.77
CA PHE A 92 6.25 5.40 -8.53
C PHE A 92 7.66 4.84 -8.60
N VAL A 93 8.41 5.18 -9.65
CA VAL A 93 9.73 4.60 -9.79
C VAL A 93 10.71 5.11 -8.73
N ASP A 94 10.49 6.33 -8.20
CA ASP A 94 11.31 6.80 -7.08
C ASP A 94 11.01 5.97 -5.84
N HIS A 95 9.73 5.78 -5.52
CA HIS A 95 9.36 4.93 -4.39
C HIS A 95 9.94 3.54 -4.54
N TYR A 96 9.91 3.00 -5.76
CA TYR A 96 10.37 1.63 -5.95
C TYR A 96 11.88 1.53 -5.74
N ARG A 97 12.63 2.56 -6.14
CA ARG A 97 14.06 2.57 -5.92
C ARG A 97 14.37 2.45 -4.42
N TYR A 98 13.72 3.28 -3.60
CA TYR A 98 13.99 3.25 -2.17
C TYR A 98 13.45 1.98 -1.54
N LEU A 99 12.25 1.53 -1.95
CA LEU A 99 11.68 0.34 -1.32
C LEU A 99 12.49 -0.91 -1.65
N SER A 100 12.97 -1.02 -2.91
CA SER A 100 13.80 -2.16 -3.29
C SER A 100 15.08 -2.22 -2.47
N ALA A 101 15.70 -1.05 -2.24
CA ALA A 101 16.88 -1.02 -1.41
C ALA A 101 16.56 -1.38 0.02
N TRP A 102 15.39 -0.95 0.52
CA TRP A 102 14.97 -1.36 1.85
C TRP A 102 14.86 -2.88 1.97
N PHE A 103 14.24 -3.54 0.97
CA PHE A 103 14.13 -5.00 0.98
C PHE A 103 15.48 -5.67 1.18
N ASP A 104 16.52 -5.12 0.56
CA ASP A 104 17.87 -5.66 0.64
C ASP A 104 18.60 -5.31 1.93
N SER A 105 18.00 -4.51 2.80
CA SER A 105 18.71 -3.99 3.96
C SER A 105 18.24 -4.56 5.29
N VAL A 106 17.24 -5.46 5.29
CA VAL A 106 16.61 -5.86 6.55
C VAL A 106 16.66 -7.37 6.77
N ASN A 107 17.61 -8.06 6.13
CA ASN A 107 17.92 -9.47 6.39
C ASN A 107 16.68 -10.36 6.26
N LEU A 108 16.09 -10.35 5.07
CA LEU A 108 14.91 -11.16 4.80
C LEU A 108 15.30 -12.59 4.44
N PRO A 109 14.38 -13.54 4.63
CA PRO A 109 14.61 -14.90 4.11
C PRO A 109 14.40 -14.94 2.60
N GLU A 110 14.65 -16.10 2.03
CA GLU A 110 14.61 -16.27 0.57
C GLU A 110 13.22 -15.96 0.02
N LYS A 111 12.17 -16.52 0.63
CA LYS A 111 10.81 -16.29 0.17
C LYS A 111 10.03 -15.52 1.22
N VAL A 112 9.17 -14.60 0.76
CA VAL A 112 8.38 -13.77 1.66
C VAL A 112 6.95 -13.70 1.14
N THR A 113 6.03 -13.38 2.03
CA THR A 113 4.65 -13.07 1.66
C THR A 113 4.46 -11.57 1.69
N ILE A 114 3.82 -11.02 0.67
CA ILE A 114 3.54 -9.59 0.59
C ILE A 114 2.06 -9.37 0.86
N VAL A 115 1.76 -8.51 1.83
CA VAL A 115 0.40 -8.01 2.10
C VAL A 115 0.40 -6.54 1.70
N CYS A 116 -0.55 -6.13 0.86
CA CYS A 116 -0.43 -4.78 0.31
C CYS A 116 -1.78 -4.14 0.00
N HIS A 117 -1.75 -2.80 -0.07
CA HIS A 117 -2.93 -1.95 -0.14
C HIS A 117 -2.60 -0.75 -1.02
N ASP A 118 -3.56 -0.36 -1.87
CA ASP A 118 -3.45 0.90 -2.60
C ASP A 118 -2.11 0.96 -3.32
N TRP A 119 -1.39 2.08 -3.27
CA TRP A 119 -0.13 2.15 -4.00
C TRP A 119 0.93 1.20 -3.46
N GLY A 120 0.78 0.73 -2.21
CA GLY A 120 1.66 -0.33 -1.74
C GLY A 120 1.50 -1.62 -2.51
N SER A 121 0.30 -1.85 -3.07
CA SER A 121 0.13 -2.99 -3.96
C SER A 121 0.72 -2.74 -5.34
N GLY A 122 0.69 -1.50 -5.84
CA GLY A 122 1.42 -1.22 -7.06
C GLY A 122 2.90 -1.53 -6.89
N LEU A 123 3.49 -1.03 -5.81
CA LEU A 123 4.90 -1.31 -5.54
C LEU A 123 5.13 -2.79 -5.27
N GLY A 124 4.24 -3.42 -4.51
CA GLY A 124 4.43 -4.82 -4.14
C GLY A 124 4.26 -5.75 -5.31
N PHE A 125 3.21 -5.53 -6.11
CA PHE A 125 3.02 -6.33 -7.32
C PHE A 125 4.24 -6.23 -8.23
N HIS A 126 4.75 -5.01 -8.43
CA HIS A 126 5.93 -4.83 -9.27
C HIS A 126 7.16 -5.52 -8.68
N TRP A 127 7.40 -5.34 -7.38
CA TRP A 127 8.53 -6.01 -6.74
C TRP A 127 8.42 -7.52 -6.93
N CYS A 128 7.22 -8.04 -6.75
CA CYS A 128 7.00 -9.47 -6.90
C CYS A 128 7.28 -9.91 -8.33
N ASN A 129 6.80 -9.15 -9.31
CA ASN A 129 7.02 -9.48 -10.72
C ASN A 129 8.51 -9.48 -11.08
N GLU A 130 9.31 -8.65 -10.41
CA GLU A 130 10.74 -8.55 -10.68
C GLU A 130 11.58 -9.46 -9.80
N HIS A 131 10.96 -10.13 -8.83
CA HIS A 131 11.65 -11.04 -7.93
C HIS A 131 10.78 -12.28 -7.72
N ARG A 132 10.39 -12.92 -8.82
CA ARG A 132 9.37 -13.95 -8.75
C ARG A 132 9.82 -15.12 -7.89
N ASP A 133 11.13 -15.39 -7.86
CA ASP A 133 11.70 -16.47 -7.06
C ASP A 133 11.59 -16.22 -5.56
N ARG A 134 11.30 -14.99 -5.13
CA ARG A 134 11.19 -14.67 -3.71
C ARG A 134 9.76 -14.65 -3.20
N VAL A 135 8.77 -14.99 -4.03
CA VAL A 135 7.37 -14.74 -3.70
C VAL A 135 6.73 -16.04 -3.18
N LYS A 136 6.38 -16.04 -1.90
CA LYS A 136 5.64 -17.15 -1.33
C LYS A 136 4.13 -16.99 -1.56
N GLY A 137 3.65 -15.76 -1.53
CA GLY A 137 2.23 -15.49 -1.69
C GLY A 137 1.99 -13.99 -1.62
N ILE A 138 0.83 -13.58 -2.09
CA ILE A 138 0.46 -12.16 -2.15
C ILE A 138 -0.94 -12.00 -1.62
N VAL A 139 -1.11 -11.12 -0.64
CA VAL A 139 -2.41 -10.71 -0.11
C VAL A 139 -2.60 -9.26 -0.56
N HIS A 140 -3.70 -8.98 -1.26
CA HIS A 140 -3.94 -7.62 -1.74
C HIS A 140 -5.37 -7.16 -1.47
N MET A 141 -5.53 -5.85 -1.35
CA MET A 141 -6.82 -5.26 -1.01
C MET A 141 -6.81 -3.83 -1.54
N GLU A 142 -7.94 -3.39 -2.09
CA GLU A 142 -8.10 -2.05 -2.67
C GLU A 142 -6.83 -1.69 -3.45
N SER A 143 -6.51 -2.56 -4.38
CA SER A 143 -5.20 -2.69 -4.97
C SER A 143 -5.18 -2.23 -6.43
N VAL A 144 -3.97 -1.94 -6.91
CA VAL A 144 -3.76 -1.46 -8.29
C VAL A 144 -3.54 -2.68 -9.16
N VAL A 145 -4.64 -3.27 -9.63
CA VAL A 145 -4.53 -4.58 -10.27
C VAL A 145 -4.41 -4.48 -11.79
N ASP A 146 -4.76 -3.34 -12.39
CA ASP A 146 -4.70 -3.19 -13.84
C ASP A 146 -4.73 -1.71 -14.18
N VAL A 147 -4.46 -1.41 -15.45
CA VAL A 147 -4.59 -0.06 -15.92
C VAL A 147 -6.06 0.30 -16.06
N ILE A 148 -6.34 1.61 -16.10
CA ILE A 148 -7.69 2.12 -16.28
C ILE A 148 -7.81 2.61 -17.73
N GLU A 149 -8.69 1.98 -18.50
CA GLU A 149 -8.99 2.46 -19.85
C GLU A 149 -10.23 3.32 -19.83
N SER A 150 -11.38 2.68 -19.97
CA SER A 150 -12.65 3.37 -19.83
C SER A 150 -12.99 3.50 -18.35
N TRP A 151 -13.57 4.64 -17.99
CA TRP A 151 -14.04 4.85 -16.63
C TRP A 151 -15.34 4.10 -16.32
N ASP A 152 -15.94 3.44 -17.32
CA ASP A 152 -17.18 2.73 -17.09
C ASP A 152 -16.98 1.46 -16.26
N GLU A 153 -15.77 0.95 -16.18
CA GLU A 153 -15.49 -0.21 -15.36
C GLU A 153 -15.14 0.15 -13.92
N TRP A 154 -14.65 1.36 -13.71
CA TRP A 154 -14.10 1.78 -12.44
C TRP A 154 -15.01 2.80 -11.79
N PRO A 155 -14.82 3.08 -10.50
CA PRO A 155 -15.45 4.26 -9.91
C PRO A 155 -15.07 5.49 -10.71
N ASP A 156 -16.07 6.32 -11.01
CA ASP A 156 -15.85 7.47 -11.89
C ASP A 156 -15.18 8.58 -11.09
N ILE A 157 -13.85 8.63 -11.16
CA ILE A 157 -13.10 9.73 -10.55
C ILE A 157 -12.30 10.43 -11.63
N GLU A 158 -12.79 10.37 -12.87
CA GLU A 158 -12.14 11.05 -14.00
C GLU A 158 -11.92 12.53 -13.72
N GLU A 159 -12.97 13.24 -13.30
CA GLU A 159 -12.83 14.67 -13.04
C GLU A 159 -11.94 14.94 -11.83
N ASP A 160 -12.03 14.08 -10.82
CA ASP A 160 -11.18 14.25 -9.65
C ASP A 160 -9.71 14.12 -10.02
N ILE A 161 -9.39 13.18 -10.90
CA ILE A 161 -8.00 13.02 -11.32
C ILE A 161 -7.55 14.19 -12.20
N ALA A 162 -8.42 14.67 -13.10
CA ALA A 162 -8.11 15.87 -13.86
C ALA A 162 -7.82 17.04 -12.93
N LEU A 163 -8.63 17.19 -11.88
CA LEU A 163 -8.43 18.30 -10.95
C LEU A 163 -7.09 18.18 -10.23
N ILE A 164 -6.80 16.98 -9.69
CA ILE A 164 -5.60 16.84 -8.88
C ILE A 164 -4.34 16.89 -9.73
N LYS A 165 -4.43 16.57 -11.02
CA LYS A 165 -3.29 16.74 -11.91
C LYS A 165 -3.09 18.19 -12.33
N SER A 166 -4.12 19.04 -12.19
CA SER A 166 -3.99 20.45 -12.51
C SER A 166 -3.20 21.17 -11.42
N GLU A 167 -2.90 22.44 -11.66
CA GLU A 167 -2.19 23.24 -10.67
C GLU A 167 -2.99 23.42 -9.40
N ALA A 168 -4.30 23.20 -9.44
CA ALA A 168 -5.09 23.21 -8.22
C ALA A 168 -4.63 22.14 -7.25
N GLY A 169 -4.01 21.07 -7.73
CA GLY A 169 -3.58 20.01 -6.84
C GLY A 169 -2.52 20.47 -5.85
N GLU A 170 -1.60 21.33 -6.28
CA GLU A 170 -0.62 21.89 -5.37
C GLU A 170 -1.29 22.64 -4.23
N GLU A 171 -2.33 23.41 -4.54
CA GLU A 171 -3.04 24.13 -3.50
C GLU A 171 -3.81 23.17 -2.59
N MET A 172 -4.60 22.27 -3.19
CA MET A 172 -5.40 21.34 -2.41
C MET A 172 -4.54 20.53 -1.46
N VAL A 173 -3.38 20.06 -1.95
CA VAL A 173 -2.62 19.09 -1.18
C VAL A 173 -1.51 19.76 -0.39
N LEU A 174 -0.62 20.48 -1.06
CA LEU A 174 0.52 21.05 -0.34
C LEU A 174 0.07 22.07 0.69
N LYS A 175 -0.93 22.90 0.35
CA LYS A 175 -1.41 23.92 1.28
C LYS A 175 -2.52 23.41 2.21
N LYS A 176 -3.50 22.66 1.70
CA LYS A 176 -4.67 22.31 2.48
C LYS A 176 -4.72 20.85 2.93
N ASN A 177 -3.73 20.03 2.55
CA ASN A 177 -3.62 18.65 3.02
C ASN A 177 -4.88 17.84 2.69
N PHE A 178 -5.39 18.02 1.47
CA PHE A 178 -6.66 17.44 1.03
C PHE A 178 -6.71 15.93 1.25
N PHE A 179 -5.63 15.21 0.95
CA PHE A 179 -5.73 13.76 1.04
C PHE A 179 -5.85 13.29 2.48
N ILE A 180 -5.19 13.99 3.41
CA ILE A 180 -5.24 13.64 4.82
C ILE A 180 -6.54 14.10 5.47
N GLU A 181 -6.95 15.34 5.22
CA GLU A 181 -8.05 15.93 5.96
C GLU A 181 -9.42 15.66 5.36
N ARG A 182 -9.51 15.39 4.06
CA ARG A 182 -10.78 15.14 3.40
C ARG A 182 -10.94 13.70 2.92
N LEU A 183 -9.99 13.21 2.14
CA LEU A 183 -10.16 11.90 1.51
C LEU A 183 -10.07 10.78 2.55
N LEU A 184 -9.07 10.83 3.44
CA LEU A 184 -8.86 9.72 4.36
C LEU A 184 -10.07 9.46 5.25
N PRO A 185 -10.60 10.44 6.00
CA PRO A 185 -11.79 10.14 6.83
C PRO A 185 -13.03 9.79 6.00
N SER A 186 -13.09 10.23 4.74
CA SER A 186 -14.25 9.95 3.91
C SER A 186 -14.36 8.47 3.54
N SER A 187 -13.29 7.70 3.65
CA SER A 187 -13.34 6.28 3.28
C SER A 187 -12.94 5.39 4.47
N ILE A 188 -13.26 5.86 5.67
CA ILE A 188 -13.30 5.05 6.89
C ILE A 188 -14.74 5.11 7.38
N MET A 189 -15.29 3.94 7.75
CA MET A 189 -16.69 3.90 8.16
C MET A 189 -16.87 4.52 9.54
N ARG A 190 -16.06 4.10 10.50
CA ARG A 190 -16.05 4.77 11.80
C ARG A 190 -15.37 6.12 11.70
N LYS A 191 -15.44 6.88 12.79
CA LYS A 191 -14.63 8.09 12.93
C LYS A 191 -13.40 7.78 13.77
N LEU A 192 -12.22 8.08 13.22
CA LEU A 192 -10.99 7.92 13.98
C LEU A 192 -11.01 8.76 15.25
N SER A 193 -10.37 8.22 16.29
CA SER A 193 -10.06 9.03 17.46
C SER A 193 -9.06 10.13 17.08
N GLU A 194 -9.01 11.18 17.91
CA GLU A 194 -8.09 12.26 17.63
C GLU A 194 -6.64 11.78 17.57
N GLU A 195 -6.28 10.85 18.47
CA GLU A 195 -4.92 10.33 18.47
C GLU A 195 -4.60 9.58 17.18
N GLU A 196 -5.55 8.78 16.69
CA GLU A 196 -5.34 8.07 15.44
C GLU A 196 -5.20 9.03 14.27
N MET A 197 -6.09 10.02 14.21
CA MET A 197 -6.02 11.01 13.14
C MET A 197 -4.70 11.76 13.20
N ASP A 198 -4.23 12.13 14.40
CA ASP A 198 -2.94 12.81 14.54
C ASP A 198 -1.77 11.95 14.07
N ALA A 199 -1.85 10.62 14.24
CA ALA A 199 -0.80 9.76 13.73
C ALA A 199 -0.72 9.82 12.21
N TYR A 200 -1.87 9.92 11.53
CA TYR A 200 -1.85 10.08 10.08
C TYR A 200 -1.41 11.48 9.68
N ARG A 201 -1.67 12.48 10.53
CA ARG A 201 -1.26 13.84 10.21
C ARG A 201 0.23 14.05 10.40
N GLU A 202 0.86 13.33 11.32
N GLU A 202 0.84 13.33 11.34
CA GLU A 202 2.21 13.69 11.76
CA GLU A 202 2.21 13.63 11.78
C GLU A 202 3.24 13.78 10.64
C GLU A 202 3.23 13.78 10.65
N PRO A 203 3.31 12.87 9.67
CA PRO A 203 4.32 13.04 8.60
C PRO A 203 4.09 14.26 7.73
N PHE A 204 2.93 14.90 7.83
CA PHE A 204 2.52 15.95 6.89
C PHE A 204 2.08 17.22 7.61
N VAL A 205 2.51 17.42 8.86
CA VAL A 205 2.07 18.59 9.61
C VAL A 205 2.63 19.88 9.04
N GLU A 206 3.69 19.83 8.24
CA GLU A 206 4.25 21.06 7.69
C GLU A 206 3.72 21.28 6.29
N PRO A 207 2.94 22.34 6.05
CA PRO A 207 2.50 22.63 4.68
C PRO A 207 3.70 22.81 3.78
N GLY A 208 3.52 22.47 2.51
CA GLY A 208 4.61 22.54 1.57
C GLY A 208 5.04 21.18 1.08
N GLU A 209 6.32 21.03 0.71
CA GLU A 209 6.76 19.82 0.02
C GLU A 209 6.77 18.58 0.91
N SER A 210 6.62 18.73 2.23
CA SER A 210 6.44 17.54 3.07
C SER A 210 5.26 16.72 2.59
N ARG A 211 4.25 17.35 2.02
CA ARG A 211 3.03 16.70 1.56
C ARG A 211 3.11 16.21 0.14
N ARG A 212 4.21 16.47 -0.56
CA ARG A 212 4.33 16.10 -1.95
C ARG A 212 4.02 14.63 -2.24
N PRO A 213 4.41 13.67 -1.41
CA PRO A 213 4.06 12.28 -1.75
C PRO A 213 2.56 12.06 -1.90
N THR A 214 1.73 12.78 -1.13
CA THR A 214 0.29 12.54 -1.22
C THR A 214 -0.34 13.19 -2.43
N LEU A 215 0.38 14.09 -3.10
CA LEU A 215 -0.04 14.69 -4.37
C LEU A 215 0.50 13.90 -5.57
N THR A 216 1.75 13.47 -5.51
CA THR A 216 2.33 12.76 -6.64
C THR A 216 1.69 11.39 -6.82
N TRP A 217 1.35 10.72 -5.71
CA TRP A 217 0.72 9.40 -5.84
C TRP A 217 -0.52 9.42 -6.72
N PRO A 218 -1.54 10.25 -6.49
CA PRO A 218 -2.71 10.19 -7.38
C PRO A 218 -2.40 10.65 -8.78
N ARG A 219 -1.38 11.49 -8.97
CA ARG A 219 -1.00 11.88 -10.31
C ARG A 219 -0.39 10.72 -11.09
N GLU A 220 0.05 9.66 -10.40
CA GLU A 220 0.62 8.47 -11.01
C GLU A 220 -0.44 7.44 -11.42
N ILE A 221 -1.71 7.70 -11.18
CA ILE A 221 -2.76 6.67 -11.35
C ILE A 221 -2.72 6.14 -12.79
N PRO A 222 -2.78 4.83 -12.99
CA PRO A 222 -2.47 4.29 -14.34
C PRO A 222 -3.64 4.38 -15.31
N LEU A 223 -3.98 5.61 -15.65
CA LEU A 223 -4.92 5.90 -16.72
C LEU A 223 -4.17 5.88 -18.06
N VAL A 224 -4.62 5.05 -18.99
CA VAL A 224 -4.01 5.03 -20.31
C VAL A 224 -4.16 6.41 -20.94
N LYS A 225 -3.14 6.82 -21.70
N LYS A 225 -3.15 6.81 -21.72
CA LYS A 225 -3.05 8.14 -22.34
CA LYS A 225 -3.10 8.15 -22.32
C LYS A 225 -2.95 9.26 -21.33
C LYS A 225 -3.19 9.22 -21.24
N GLY A 226 -2.57 8.96 -20.09
CA GLY A 226 -2.50 9.93 -19.01
C GLY A 226 -1.12 10.49 -18.76
N GLY A 227 -0.15 10.26 -19.65
CA GLY A 227 1.17 10.85 -19.52
C GLY A 227 2.11 10.13 -18.58
N LYS A 228 1.73 8.96 -18.06
CA LYS A 228 2.59 8.20 -17.14
C LYS A 228 2.89 6.84 -17.76
N PRO A 229 3.57 6.82 -18.91
CA PRO A 229 3.75 5.55 -19.61
C PRO A 229 4.64 4.58 -18.86
N ASP A 230 5.50 5.06 -17.96
CA ASP A 230 6.34 4.12 -17.23
C ASP A 230 5.50 3.32 -16.24
N VAL A 231 4.58 3.99 -15.54
CA VAL A 231 3.62 3.32 -14.67
C VAL A 231 2.73 2.38 -15.47
N ILE A 232 2.26 2.81 -16.64
CA ILE A 232 1.37 1.98 -17.44
C ILE A 232 2.06 0.67 -17.83
N GLU A 233 3.30 0.76 -18.33
CA GLU A 233 4.04 -0.44 -18.70
C GLU A 233 4.28 -1.35 -17.50
N ILE A 234 4.59 -0.76 -16.34
CA ILE A 234 4.84 -1.54 -15.13
C ILE A 234 3.58 -2.32 -14.73
N VAL A 235 2.43 -1.63 -14.73
CA VAL A 235 1.18 -2.26 -14.31
C VAL A 235 0.71 -3.29 -15.34
N LYS A 236 0.79 -2.96 -16.62
CA LYS A 236 0.46 -3.94 -17.64
C LYS A 236 1.29 -5.20 -17.48
N SER A 237 2.59 -5.03 -17.17
CA SER A 237 3.48 -6.17 -17.04
C SER A 237 3.10 -7.05 -15.85
N TYR A 238 2.91 -6.43 -14.68
CA TYR A 238 2.60 -7.31 -13.55
C TYR A 238 1.17 -7.83 -13.64
N ASN A 239 0.27 -7.11 -14.29
CA ASN A 239 -1.07 -7.66 -14.50
C ASN A 239 -1.02 -8.93 -15.34
N LYS A 240 -0.25 -8.90 -16.43
CA LYS A 240 -0.09 -10.08 -17.27
C LYS A 240 0.45 -11.25 -16.48
N TRP A 241 1.41 -10.99 -15.59
CA TRP A 241 1.98 -12.05 -14.76
C TRP A 241 0.97 -12.58 -13.76
N LEU A 242 0.32 -11.67 -13.02
CA LEU A 242 -0.64 -12.09 -12.01
C LEU A 242 -1.79 -12.88 -12.63
N SER A 243 -2.19 -12.52 -13.86
CA SER A 243 -3.25 -13.22 -14.57
C SER A 243 -2.86 -14.61 -15.03
N THR A 244 -1.57 -14.94 -15.05
CA THR A 244 -1.10 -16.21 -15.60
C THR A 244 -0.24 -17.01 -14.62
N SER A 245 -0.10 -16.54 -13.38
CA SER A 245 0.83 -17.15 -12.42
C SER A 245 0.10 -18.20 -11.59
N LYS A 246 -0.02 -19.40 -12.17
CA LYS A 246 -0.72 -20.48 -11.47
C LYS A 246 0.05 -20.96 -10.25
N ASP A 247 1.35 -20.62 -10.15
CA ASP A 247 2.17 -21.07 -9.03
C ASP A 247 2.26 -20.07 -7.89
N ILE A 248 1.57 -18.93 -7.96
CA ILE A 248 1.67 -17.89 -6.94
C ILE A 248 0.34 -17.84 -6.18
N PRO A 249 0.28 -18.30 -4.93
CA PRO A 249 -0.98 -18.22 -4.17
C PRO A 249 -1.32 -16.77 -3.85
N LYS A 250 -2.58 -16.42 -4.05
CA LYS A 250 -3.04 -15.04 -3.84
C LYS A 250 -4.29 -15.04 -2.97
N LEU A 251 -4.41 -14.02 -2.14
CA LEU A 251 -5.60 -13.77 -1.35
C LEU A 251 -6.06 -12.35 -1.64
N PHE A 252 -7.26 -12.23 -2.22
CA PHE A 252 -7.92 -10.94 -2.43
C PHE A 252 -8.85 -10.69 -1.26
N ILE A 253 -8.58 -9.64 -0.50
CA ILE A 253 -9.48 -9.24 0.58
C ILE A 253 -10.38 -8.14 0.02
N ASN A 254 -11.63 -8.52 -0.18
CA ASN A 254 -12.67 -7.69 -0.79
C ASN A 254 -13.36 -6.87 0.30
N ALA A 255 -13.42 -5.55 0.14
CA ALA A 255 -14.10 -4.70 1.09
C ALA A 255 -15.54 -4.44 0.65
N ASP A 256 -16.46 -4.56 1.60
CA ASP A 256 -17.88 -4.33 1.37
C ASP A 256 -18.33 -3.16 2.21
N PRO A 257 -18.75 -2.03 1.61
CA PRO A 257 -18.93 -1.85 0.17
C PRO A 257 -17.65 -1.52 -0.59
N GLY A 258 -16.60 -1.11 0.12
CA GLY A 258 -15.32 -0.78 -0.51
C GLY A 258 -15.40 0.48 -1.36
N PHE A 259 -14.31 0.71 -2.10
CA PHE A 259 -14.30 1.75 -3.14
C PHE A 259 -13.94 1.12 -4.47
N PHE A 260 -12.70 0.63 -4.65
CA PHE A 260 -12.30 -0.08 -5.84
C PHE A 260 -12.64 -1.56 -5.80
N SER A 261 -13.11 -2.07 -4.66
CA SER A 261 -13.21 -3.51 -4.46
C SER A 261 -14.12 -4.16 -5.51
N ASN A 262 -15.25 -3.52 -5.81
N ASN A 262 -15.26 -3.52 -5.80
CA ASN A 262 -16.16 -4.11 -6.81
CA ASN A 262 -16.19 -4.05 -6.80
C ASN A 262 -15.49 -4.24 -8.16
C ASN A 262 -15.49 -4.23 -8.14
N ALA A 263 -14.76 -3.21 -8.60
CA ALA A 263 -14.04 -3.29 -9.86
C ALA A 263 -12.95 -4.35 -9.80
N ILE A 264 -12.22 -4.42 -8.68
CA ILE A 264 -11.11 -5.39 -8.56
C ILE A 264 -11.64 -6.80 -8.63
N LYS A 265 -12.79 -7.06 -7.99
CA LYS A 265 -13.39 -8.38 -8.05
C LYS A 265 -13.65 -8.79 -9.49
N LYS A 266 -14.17 -7.87 -10.31
CA LYS A 266 -14.42 -8.18 -11.72
C LYS A 266 -13.10 -8.37 -12.46
N VAL A 267 -12.15 -7.47 -12.25
CA VAL A 267 -10.91 -7.47 -13.01
C VAL A 267 -10.09 -8.72 -12.75
N THR A 268 -10.11 -9.23 -11.52
CA THR A 268 -9.30 -10.37 -11.14
C THR A 268 -10.09 -11.67 -11.13
N LYS A 269 -11.30 -11.69 -11.69
CA LYS A 269 -12.17 -12.86 -11.54
C LYS A 269 -11.56 -14.11 -12.15
N ASN A 270 -10.68 -13.97 -13.13
CA ASN A 270 -10.05 -15.12 -13.76
C ASN A 270 -8.60 -15.32 -13.33
N TRP A 271 -8.13 -14.57 -12.33
CA TRP A 271 -6.77 -14.77 -11.84
C TRP A 271 -6.63 -16.18 -11.25
N PRO A 272 -5.56 -16.90 -11.58
CA PRO A 272 -5.38 -18.25 -11.05
C PRO A 272 -4.86 -18.23 -9.62
N ASN A 273 -5.14 -19.31 -8.89
CA ASN A 273 -4.60 -19.51 -7.54
C ASN A 273 -4.97 -18.32 -6.64
N GLN A 274 -6.21 -17.84 -6.74
CA GLN A 274 -6.68 -16.75 -5.89
C GLN A 274 -7.88 -17.20 -5.08
N LYS A 275 -7.84 -16.91 -3.79
CA LYS A 275 -9.01 -17.02 -2.93
C LYS A 275 -9.46 -15.62 -2.53
N THR A 276 -10.72 -15.51 -2.13
CA THR A 276 -11.29 -14.22 -1.76
C THR A 276 -11.91 -14.35 -0.38
N VAL A 277 -11.75 -13.30 0.41
CA VAL A 277 -12.44 -13.12 1.69
C VAL A 277 -13.05 -11.73 1.68
N THR A 278 -14.29 -11.59 2.16
CA THR A 278 -14.95 -10.29 2.20
C THR A 278 -15.04 -9.79 3.63
N VAL A 279 -14.63 -8.53 3.85
CA VAL A 279 -14.76 -7.88 5.14
C VAL A 279 -15.49 -6.56 4.94
N LYS A 280 -16.02 -6.03 6.03
CA LYS A 280 -16.71 -4.75 5.99
C LYS A 280 -15.72 -3.60 5.97
N GLY A 281 -15.95 -2.65 5.08
CA GLY A 281 -15.12 -1.46 5.04
C GLY A 281 -15.29 -0.69 3.75
N LEU A 282 -14.69 0.50 3.73
CA LEU A 282 -14.59 1.31 2.52
C LEU A 282 -13.17 1.15 1.99
N HIS A 283 -12.51 2.23 1.53
CA HIS A 283 -11.18 2.03 0.96
C HIS A 283 -10.16 1.68 2.03
N PHE A 284 -10.21 2.33 3.19
CA PHE A 284 -9.24 2.09 4.25
C PHE A 284 -9.78 1.01 5.20
N LEU A 285 -10.01 -0.17 4.60
CA LEU A 285 -10.70 -1.26 5.28
C LEU A 285 -9.97 -1.70 6.56
N GLN A 286 -8.65 -1.47 6.63
CA GLN A 286 -7.91 -1.83 7.85
C GLN A 286 -8.42 -1.10 9.07
N GLU A 287 -9.02 0.09 8.91
CA GLU A 287 -9.48 0.82 10.08
C GLU A 287 -10.83 0.33 10.58
N ASP A 288 -11.54 -0.47 9.80
CA ASP A 288 -12.84 -0.97 10.25
C ASP A 288 -12.86 -2.45 10.54
N SER A 289 -12.08 -3.25 9.83
CA SER A 289 -12.06 -4.70 10.03
C SER A 289 -10.63 -5.24 10.21
N PRO A 290 -9.84 -4.66 11.11
CA PRO A 290 -8.47 -5.16 11.25
C PRO A 290 -8.41 -6.62 11.72
N GLU A 291 -9.28 -7.03 12.65
CA GLU A 291 -9.24 -8.40 13.14
C GLU A 291 -9.52 -9.39 12.02
N GLU A 292 -10.58 -9.13 11.22
CA GLU A 292 -10.96 -10.05 10.16
C GLU A 292 -9.88 -10.11 9.08
N ILE A 293 -9.22 -8.99 8.81
CA ILE A 293 -8.12 -8.98 7.84
C ILE A 293 -6.94 -9.76 8.38
N GLY A 294 -6.54 -9.51 9.62
CA GLY A 294 -5.42 -10.23 10.22
C GLY A 294 -5.66 -11.72 10.31
N GLU A 295 -6.88 -12.12 10.72
CA GLU A 295 -7.20 -13.53 10.81
C GLU A 295 -7.18 -14.20 9.44
N ALA A 296 -7.64 -13.49 8.40
CA ALA A 296 -7.61 -14.05 7.06
C ALA A 296 -6.18 -14.25 6.59
N ILE A 297 -5.30 -13.31 6.91
CA ILE A 297 -3.90 -13.44 6.55
C ILE A 297 -3.26 -14.62 7.29
N ALA A 298 -3.53 -14.75 8.59
CA ALA A 298 -2.97 -15.86 9.34
C ALA A 298 -3.39 -17.19 8.75
N ASP A 299 -4.66 -17.32 8.36
CA ASP A 299 -5.14 -18.57 7.79
C ASP A 299 -4.52 -18.84 6.42
N PHE A 300 -4.35 -17.77 5.62
CA PHE A 300 -3.70 -17.89 4.33
C PHE A 300 -2.27 -18.38 4.47
N LEU A 301 -1.54 -17.84 5.45
CA LEU A 301 -0.18 -18.31 5.70
C LEU A 301 -0.15 -19.81 5.99
N ASN A 302 -1.15 -20.30 6.73
CA ASN A 302 -1.24 -21.74 6.98
C ASN A 302 -1.40 -22.53 5.69
N GLU A 303 -2.23 -22.03 4.77
CA GLU A 303 -2.44 -22.72 3.51
C GLU A 303 -1.20 -22.73 2.63
N LEU A 304 -0.29 -21.78 2.82
CA LEU A 304 0.93 -21.74 2.02
C LEU A 304 1.80 -22.96 2.24
N THR A 305 1.64 -23.66 3.36
CA THR A 305 2.43 -24.88 3.56
C THR A 305 1.96 -26.04 2.70
N LYS A 306 0.98 -25.81 1.82
CA LYS A 306 0.44 -26.92 0.98
C LYS A 306 0.79 -26.78 -0.50
#